data_3TR7
#
_entry.id   3TR7
#
_cell.length_a   53.175
_cell.length_b   54.633
_cell.length_c   76.762
_cell.angle_alpha   90.000
_cell.angle_beta   90.000
_cell.angle_gamma   90.000
#
_symmetry.space_group_name_H-M   'P 21 21 21'
#
loop_
_entity.id
_entity.type
_entity.pdbx_description
1 polymer 'Uracil-DNA glycosylase'
2 water water
#
_entity_poly.entity_id   1
_entity_poly.type   'polypeptide(L)'
_entity_poly.pdbx_seq_one_letter_code
;SNA(MSE)TT(MSE)AETQTWQTVLGEEKQEPYFQEILDFVKKERKAGKIIYPPQKDIFNALKLTPYEAIKVVILGQDPY
HGPNQAHGLAFSVRPGVPAPPSLQNIFKELHADLGVSIPSHGFLEKWAKQGVLLLNAALTVEAGKPQSHANIGWHRFTDK
VIESLNDHPEGIVFLLWGSYAQKKSQLITNLRHRILKAPHPSPLSAARGFLGCRHFSKANQLLHE(MSE)GRGEIDWALD
EKVS
;
_entity_poly.pdbx_strand_id   A
#
# COMPACT_ATOMS: atom_id res chain seq x y z
N THR A 10 -17.67 5.59 -13.70
CA THR A 10 -18.18 6.86 -13.23
C THR A 10 -17.62 7.23 -11.86
N GLN A 11 -17.25 6.22 -11.08
CA GLN A 11 -16.56 6.44 -9.81
C GLN A 11 -15.05 6.36 -10.01
N THR A 12 -14.36 7.48 -9.82
CA THR A 12 -12.91 7.51 -9.96
C THR A 12 -12.29 8.15 -8.72
N TRP A 13 -10.98 8.11 -8.60
CA TRP A 13 -10.29 8.76 -7.50
C TRP A 13 -10.60 10.25 -7.48
N GLN A 14 -10.75 10.84 -8.66
CA GLN A 14 -11.06 12.26 -8.78
C GLN A 14 -12.42 12.59 -8.18
N THR A 15 -13.39 11.70 -8.36
CA THR A 15 -14.75 11.95 -7.90
C THR A 15 -14.96 11.57 -6.43
N VAL A 16 -14.40 10.43 -6.03
CA VAL A 16 -14.57 9.96 -4.66
C VAL A 16 -13.69 10.72 -3.68
N LEU A 17 -12.62 11.31 -4.17
CA LEU A 17 -11.73 12.11 -3.32
C LEU A 17 -11.88 13.60 -3.61
N GLY A 18 -12.82 13.94 -4.49
CA GLY A 18 -13.03 15.31 -4.90
C GLY A 18 -13.20 16.29 -3.75
N GLU A 19 -14.06 15.93 -2.81
CA GLU A 19 -14.31 16.78 -1.65
C GLU A 19 -13.10 16.88 -0.73
N GLU A 20 -12.48 15.75 -0.43
CA GLU A 20 -11.32 15.74 0.46
C GLU A 20 -10.19 16.59 -0.12
N LYS A 21 -10.00 16.50 -1.43
CA LYS A 21 -9.00 17.29 -2.13
C LYS A 21 -9.16 18.79 -1.87
N GLN A 22 -10.39 19.21 -1.60
CA GLN A 22 -10.70 20.62 -1.36
C GLN A 22 -10.08 21.11 -0.07
N GLU A 23 -9.94 20.22 0.90
CA GLU A 23 -9.39 20.57 2.21
C GLU A 23 -8.05 21.28 2.09
N PRO A 24 -7.94 22.48 2.65
CA PRO A 24 -6.72 23.28 2.63
C PRO A 24 -5.50 22.51 3.12
N TYR A 25 -5.68 21.58 4.05
CA TYR A 25 -4.55 20.82 4.59
C TYR A 25 -3.86 20.02 3.49
N PHE A 26 -4.62 19.64 2.48
CA PHE A 26 -4.11 18.82 1.38
C PHE A 26 -3.00 19.54 0.62
N GLN A 27 -3.30 20.72 0.08
CA GLN A 27 -2.30 21.52 -0.62
C GLN A 27 -1.13 21.86 0.28
N GLU A 28 -1.41 22.08 1.57
CA GLU A 28 -0.37 22.43 2.54
C GLU A 28 0.65 21.31 2.70
N ILE A 29 0.19 20.07 2.68
CA ILE A 29 1.09 18.93 2.70
C ILE A 29 1.98 18.95 1.46
N LEU A 30 1.36 19.11 0.30
CA LEU A 30 2.07 19.18 -0.96
C LEU A 30 3.06 20.35 -0.98
N ASP A 31 2.61 21.49 -0.47
CA ASP A 31 3.46 22.67 -0.38
C ASP A 31 4.67 22.42 0.51
N PHE A 32 4.44 21.80 1.66
CA PHE A 32 5.52 21.51 2.59
C PHE A 32 6.60 20.66 1.94
N VAL A 33 6.20 19.56 1.32
CA VAL A 33 7.14 18.66 0.66
C VAL A 33 7.94 19.42 -0.39
N LYS A 34 7.26 20.28 -1.14
CA LYS A 34 7.92 21.09 -2.16
C LYS A 34 9.02 21.97 -1.58
N LYS A 35 8.68 22.74 -0.55
CA LYS A 35 9.64 23.65 0.04
C LYS A 35 10.81 22.89 0.67
N GLU A 36 10.55 21.68 1.12
CA GLU A 36 11.60 20.83 1.66
C GLU A 36 12.62 20.47 0.59
N ARG A 37 12.12 20.12 -0.60
N ARG A 37 12.12 20.13 -0.60
CA ARG A 37 12.98 19.80 -1.73
CA ARG A 37 12.98 19.80 -1.73
C ARG A 37 13.77 21.01 -2.19
C ARG A 37 13.78 21.02 -2.18
N LYS A 38 13.13 22.18 -2.17
CA LYS A 38 13.80 23.42 -2.52
C LYS A 38 14.89 23.74 -1.50
N ALA A 39 14.72 23.25 -0.28
CA ALA A 39 15.68 23.46 0.79
C ALA A 39 16.89 22.54 0.65
N GLY A 40 16.87 21.69 -0.37
CA GLY A 40 17.98 20.81 -0.67
C GLY A 40 17.87 19.42 -0.05
N LYS A 41 16.79 19.19 0.69
CA LYS A 41 16.58 17.89 1.33
C LYS A 41 16.12 16.85 0.31
N ILE A 42 16.54 15.60 0.51
CA ILE A 42 16.14 14.51 -0.36
C ILE A 42 14.88 13.83 0.18
N ILE A 43 13.82 13.82 -0.63
CA ILE A 43 12.56 13.21 -0.21
C ILE A 43 12.13 12.11 -1.18
N TYR A 44 11.76 10.96 -0.64
CA TYR A 44 11.31 9.82 -1.44
C TYR A 44 9.83 9.56 -1.24
N PRO A 45 9.13 9.14 -2.30
CA PRO A 45 9.65 9.01 -3.66
C PRO A 45 9.67 10.36 -4.37
N PRO A 46 10.09 10.39 -5.65
CA PRO A 46 10.03 11.63 -6.41
C PRO A 46 8.60 12.19 -6.41
N GLN A 47 8.47 13.50 -6.59
CA GLN A 47 7.18 14.17 -6.46
C GLN A 47 6.12 13.59 -7.39
N LYS A 48 6.53 13.15 -8.58
CA LYS A 48 5.57 12.66 -9.57
C LYS A 48 5.13 11.23 -9.29
N ASP A 49 5.72 10.60 -8.28
CA ASP A 49 5.42 9.21 -7.95
C ASP A 49 4.55 9.07 -6.70
N ILE A 50 4.31 10.19 -6.03
CA ILE A 50 3.62 10.18 -4.75
C ILE A 50 2.30 9.40 -4.75
N PHE A 51 1.55 9.50 -5.84
CA PHE A 51 0.23 8.88 -5.92
C PHE A 51 0.15 7.71 -6.89
N ASN A 52 1.28 7.02 -7.10
CA ASN A 52 1.31 5.92 -8.06
C ASN A 52 0.36 4.76 -7.72
N ALA A 53 0.17 4.52 -6.43
CA ALA A 53 -0.74 3.47 -5.99
C ALA A 53 -2.14 3.68 -6.56
N LEU A 54 -2.61 4.92 -6.52
CA LEU A 54 -3.93 5.25 -7.04
C LEU A 54 -3.91 5.26 -8.56
N LYS A 55 -2.79 5.70 -9.13
CA LYS A 55 -2.64 5.74 -10.58
C LYS A 55 -2.66 4.35 -11.20
N LEU A 56 -1.94 3.41 -10.59
CA LEU A 56 -1.81 2.07 -11.14
C LEU A 56 -3.00 1.16 -10.80
N THR A 57 -3.80 1.59 -9.84
CA THR A 57 -5.00 0.83 -9.44
C THR A 57 -6.20 1.76 -9.35
N PRO A 58 -6.88 1.98 -10.48
CA PRO A 58 -8.08 2.81 -10.53
C PRO A 58 -9.11 2.34 -9.51
N TYR A 59 -9.89 3.29 -8.99
CA TYR A 59 -10.87 3.00 -7.95
C TYR A 59 -11.70 1.75 -8.23
N GLU A 60 -12.24 1.67 -9.45
CA GLU A 60 -13.14 0.59 -9.81
C GLU A 60 -12.45 -0.74 -10.08
N ALA A 61 -11.12 -0.72 -10.09
CA ALA A 61 -10.35 -1.93 -10.35
C ALA A 61 -9.89 -2.61 -9.06
N ILE A 62 -10.08 -1.93 -7.94
CA ILE A 62 -9.60 -2.43 -6.65
C ILE A 62 -10.26 -3.75 -6.26
N LYS A 63 -9.42 -4.75 -5.99
CA LYS A 63 -9.90 -6.04 -5.52
C LYS A 63 -9.31 -6.34 -4.14
N VAL A 64 -8.02 -6.06 -3.99
CA VAL A 64 -7.32 -6.28 -2.74
C VAL A 64 -6.62 -5.01 -2.28
N VAL A 65 -6.60 -4.79 -0.97
CA VAL A 65 -5.89 -3.65 -0.40
C VAL A 65 -4.83 -4.10 0.61
N ILE A 66 -3.59 -3.66 0.38
CA ILE A 66 -2.50 -3.96 1.30
C ILE A 66 -1.93 -2.67 1.86
N LEU A 67 -1.93 -2.55 3.19
CA LEU A 67 -1.48 -1.32 3.85
C LEU A 67 -0.02 -1.37 4.29
N GLY A 68 0.70 -0.29 4.03
CA GLY A 68 2.04 -0.10 4.54
C GLY A 68 2.08 1.17 5.38
N GLN A 69 3.23 1.49 5.95
CA GLN A 69 3.34 2.67 6.80
C GLN A 69 3.92 3.89 6.07
N ASP A 70 5.17 3.78 5.64
N ASP A 70 5.18 3.77 5.64
CA ASP A 70 5.82 4.88 4.92
CA ASP A 70 5.88 4.85 4.96
C ASP A 70 6.76 4.34 3.85
C ASP A 70 6.73 4.31 3.82
N PRO A 71 7.11 5.19 2.87
CA PRO A 71 7.99 4.78 1.78
C PRO A 71 9.40 4.45 2.29
N TYR A 72 10.10 3.58 1.57
CA TYR A 72 11.49 3.29 1.90
C TYR A 72 12.29 4.58 1.87
N HIS A 73 13.29 4.68 2.72
CA HIS A 73 14.06 5.92 2.85
C HIS A 73 15.45 5.83 2.23
N GLY A 74 15.71 4.74 1.52
CA GLY A 74 16.98 4.58 0.81
C GLY A 74 16.86 4.99 -0.65
N PRO A 75 18.00 5.19 -1.31
CA PRO A 75 18.03 5.63 -2.71
C PRO A 75 17.48 4.56 -3.66
N ASN A 76 16.69 5.00 -4.64
CA ASN A 76 16.17 4.11 -5.69
C ASN A 76 15.15 3.07 -5.23
N GLN A 77 14.74 3.14 -3.97
CA GLN A 77 13.81 2.14 -3.44
C GLN A 77 12.34 2.46 -3.75
N ALA A 78 11.81 3.45 -3.04
CA ALA A 78 10.38 3.79 -3.14
C ALA A 78 10.02 4.35 -4.51
N HIS A 79 8.79 4.08 -4.95
CA HIS A 79 8.29 4.61 -6.21
C HIS A 79 6.77 4.74 -6.21
N GLY A 80 6.19 4.91 -5.02
CA GLY A 80 4.77 5.20 -4.90
C GLY A 80 3.88 4.02 -4.53
N LEU A 81 4.49 2.86 -4.31
CA LEU A 81 3.74 1.67 -3.90
C LEU A 81 4.22 1.16 -2.55
N ALA A 82 3.30 0.60 -1.78
CA ALA A 82 3.64 -0.03 -0.51
C ALA A 82 4.52 -1.26 -0.76
N PHE A 83 5.59 -1.38 0.01
CA PHE A 83 6.46 -2.56 -0.02
C PHE A 83 7.29 -2.72 -1.30
N SER A 84 6.75 -2.25 -2.42
CA SER A 84 7.44 -2.41 -3.71
C SER A 84 8.72 -1.60 -3.81
N VAL A 85 9.69 -2.13 -4.55
CA VAL A 85 10.92 -1.42 -4.85
C VAL A 85 11.16 -1.43 -6.35
N ARG A 86 11.94 -0.46 -6.84
CA ARG A 86 12.23 -0.35 -8.26
C ARG A 86 13.04 -1.54 -8.75
N PRO A 87 13.02 -1.80 -10.08
CA PRO A 87 13.87 -2.82 -10.69
C PRO A 87 15.33 -2.56 -10.40
N GLY A 88 16.10 -3.61 -10.15
CA GLY A 88 17.51 -3.47 -9.83
C GLY A 88 17.76 -3.38 -8.34
N VAL A 89 16.69 -3.17 -7.57
CA VAL A 89 16.80 -3.07 -6.13
C VAL A 89 16.47 -4.40 -5.46
N PRO A 90 17.39 -4.90 -4.62
CA PRO A 90 17.15 -6.11 -3.85
C PRO A 90 15.95 -5.96 -2.94
N ALA A 91 15.08 -6.95 -2.90
CA ALA A 91 13.90 -6.91 -2.04
C ALA A 91 14.31 -6.85 -0.56
N PRO A 92 13.84 -5.82 0.16
CA PRO A 92 14.13 -5.67 1.59
C PRO A 92 13.58 -6.84 2.42
N PRO A 93 14.01 -6.96 3.69
CA PRO A 93 13.63 -8.07 4.56
C PRO A 93 12.13 -8.35 4.55
N SER A 94 11.32 -7.33 4.83
CA SER A 94 9.87 -7.50 4.88
C SER A 94 9.33 -8.05 3.57
N LEU A 95 9.69 -7.42 2.46
CA LEU A 95 9.23 -7.86 1.14
C LEU A 95 9.73 -9.27 0.85
N GLN A 96 10.95 -9.56 1.29
CA GLN A 96 11.52 -10.89 1.11
C GLN A 96 10.68 -11.94 1.86
N ASN A 97 10.24 -11.59 3.06
CA ASN A 97 9.42 -12.49 3.85
C ASN A 97 8.01 -12.63 3.26
N ILE A 98 7.54 -11.55 2.64
CA ILE A 98 6.27 -11.58 1.91
C ILE A 98 6.36 -12.60 0.77
N PHE A 99 7.48 -12.59 0.06
CA PHE A 99 7.70 -13.54 -1.02
C PHE A 99 7.80 -14.97 -0.49
N LYS A 100 8.43 -15.11 0.67
CA LYS A 100 8.55 -16.41 1.32
C LYS A 100 7.17 -17.00 1.56
N GLU A 101 6.30 -16.20 2.17
CA GLU A 101 4.93 -16.61 2.45
C GLU A 101 4.17 -16.92 1.15
N LEU A 102 4.34 -16.06 0.15
CA LEU A 102 3.66 -16.23 -1.13
C LEU A 102 4.06 -17.55 -1.79
N HIS A 103 5.34 -17.88 -1.72
CA HIS A 103 5.84 -19.12 -2.29
C HIS A 103 5.23 -20.32 -1.60
N ALA A 104 5.28 -20.32 -0.27
CA ALA A 104 4.74 -21.42 0.51
C ALA A 104 3.22 -21.53 0.36
N ASP A 105 2.56 -20.39 0.21
CA ASP A 105 1.11 -20.35 0.14
C ASP A 105 0.56 -20.83 -1.22
N LEU A 106 1.06 -20.26 -2.30
CA LEU A 106 0.52 -20.55 -3.63
C LEU A 106 1.49 -21.30 -4.54
N GLY A 107 2.73 -21.47 -4.08
CA GLY A 107 3.73 -22.17 -4.86
C GLY A 107 4.36 -21.28 -5.92
N VAL A 108 4.05 -19.99 -5.87
CA VAL A 108 4.59 -19.03 -6.82
C VAL A 108 6.09 -18.86 -6.63
N SER A 109 6.84 -18.84 -7.73
CA SER A 109 8.29 -18.72 -7.67
C SER A 109 8.73 -17.41 -7.03
N ILE A 110 9.77 -17.48 -6.21
CA ILE A 110 10.36 -16.28 -5.61
C ILE A 110 10.96 -15.41 -6.70
N PRO A 111 10.45 -14.18 -6.84
CA PRO A 111 10.90 -13.25 -7.88
C PRO A 111 12.39 -12.91 -7.75
N SER A 112 13.00 -12.54 -8.86
CA SER A 112 14.39 -12.09 -8.86
C SER A 112 14.45 -10.60 -8.52
N HIS A 113 13.29 -10.00 -8.28
CA HIS A 113 13.18 -8.58 -8.00
C HIS A 113 12.11 -8.30 -6.95
N GLY A 114 11.84 -7.03 -6.71
CA GLY A 114 10.82 -6.62 -5.75
C GLY A 114 9.89 -5.58 -6.32
N PHE A 115 9.72 -5.59 -7.64
CA PHE A 115 8.88 -4.61 -8.34
C PHE A 115 7.44 -5.14 -8.45
N LEU A 116 6.50 -4.43 -7.83
CA LEU A 116 5.15 -4.95 -7.65
C LEU A 116 4.07 -4.26 -8.48
N GLU A 117 4.45 -3.62 -9.59
CA GLU A 117 3.48 -2.97 -10.46
C GLU A 117 2.46 -3.95 -11.01
N LYS A 118 2.90 -5.18 -11.26
CA LYS A 118 2.02 -6.21 -11.79
C LYS A 118 0.88 -6.51 -10.83
N TRP A 119 1.15 -6.43 -9.53
CA TRP A 119 0.10 -6.61 -8.53
C TRP A 119 -0.90 -5.46 -8.61
N ALA A 120 -0.39 -4.23 -8.70
CA ALA A 120 -1.24 -3.05 -8.78
C ALA A 120 -2.16 -3.14 -9.99
N LYS A 121 -1.64 -3.63 -11.11
CA LYS A 121 -2.41 -3.80 -12.33
C LYS A 121 -3.37 -4.97 -12.22
N GLN A 122 -3.18 -5.83 -11.22
CA GLN A 122 -4.08 -6.95 -10.99
C GLN A 122 -5.28 -6.51 -10.16
N GLY A 123 -5.19 -5.31 -9.59
CA GLY A 123 -6.25 -4.78 -8.75
C GLY A 123 -5.86 -4.71 -7.29
N VAL A 124 -4.56 -4.77 -7.02
CA VAL A 124 -4.07 -4.69 -5.65
C VAL A 124 -3.63 -3.27 -5.29
N LEU A 125 -4.39 -2.63 -4.40
CA LEU A 125 -4.05 -1.28 -3.95
C LEU A 125 -2.95 -1.35 -2.89
N LEU A 126 -1.76 -0.91 -3.28
CA LEU A 126 -0.60 -0.91 -2.38
C LEU A 126 -0.43 0.47 -1.73
N LEU A 127 -1.13 0.68 -0.61
CA LEU A 127 -1.24 2.00 -0.02
C LEU A 127 -0.45 2.16 1.28
N ASN A 128 0.49 3.11 1.29
CA ASN A 128 1.17 3.51 2.52
C ASN A 128 0.37 4.56 3.26
N ALA A 129 0.54 4.62 4.58
CA ALA A 129 -0.14 5.62 5.39
C ALA A 129 0.44 7.00 5.13
N ALA A 130 1.77 7.07 5.02
CA ALA A 130 2.45 8.29 4.62
C ALA A 130 3.04 8.12 3.23
N LEU A 131 2.90 9.14 2.39
CA LEU A 131 3.27 9.03 0.99
C LEU A 131 4.65 9.58 0.67
N THR A 132 5.29 10.21 1.66
CA THR A 132 6.65 10.69 1.50
C THR A 132 7.49 10.41 2.73
N VAL A 133 8.81 10.48 2.57
CA VAL A 133 9.74 10.30 3.68
C VAL A 133 11.04 11.01 3.32
N GLU A 134 11.72 11.57 4.32
CA GLU A 134 13.02 12.19 4.07
C GLU A 134 14.10 11.12 4.05
N ALA A 135 15.06 11.28 3.15
CA ALA A 135 16.14 10.30 2.98
C ALA A 135 16.82 9.96 4.30
N GLY A 136 16.95 8.66 4.57
CA GLY A 136 17.68 8.19 5.73
C GLY A 136 17.00 8.46 7.06
N LYS A 137 15.70 8.74 7.02
CA LYS A 137 14.94 9.05 8.22
C LYS A 137 13.58 8.37 8.24
N PRO A 138 13.50 7.18 8.86
CA PRO A 138 12.25 6.40 8.93
C PRO A 138 11.14 7.17 9.65
N GLN A 139 9.93 7.13 9.09
CA GLN A 139 8.76 7.75 9.69
C GLN A 139 8.86 9.27 9.81
N SER A 140 9.85 9.85 9.13
CA SER A 140 10.11 11.29 9.24
C SER A 140 8.94 12.15 8.74
N HIS A 141 8.08 11.57 7.90
CA HIS A 141 6.90 12.28 7.41
C HIS A 141 5.60 11.60 7.84
N ALA A 142 5.64 10.92 8.98
CA ALA A 142 4.47 10.20 9.48
C ALA A 142 3.45 11.12 10.15
N ASN A 143 3.90 12.28 10.62
CA ASN A 143 3.04 13.18 11.38
C ASN A 143 2.81 14.53 10.70
N ILE A 144 2.99 14.58 9.38
CA ILE A 144 2.80 15.84 8.66
C ILE A 144 1.40 15.98 8.06
N GLY A 145 0.59 14.93 8.17
CA GLY A 145 -0.79 15.01 7.75
C GLY A 145 -1.26 14.01 6.70
N TRP A 146 -0.33 13.23 6.15
CA TRP A 146 -0.68 12.24 5.13
C TRP A 146 -1.80 11.33 5.60
N HIS A 147 -1.78 10.98 6.89
CA HIS A 147 -2.73 10.02 7.44
C HIS A 147 -4.18 10.48 7.29
N ARG A 148 -4.39 11.79 7.32
CA ARG A 148 -5.73 12.34 7.10
C ARG A 148 -6.25 11.88 5.75
N PHE A 149 -5.38 12.01 4.75
CA PHE A 149 -5.75 11.74 3.37
C PHE A 149 -5.88 10.25 3.06
N THR A 150 -4.90 9.46 3.53
CA THR A 150 -4.91 8.03 3.27
C THR A 150 -6.01 7.31 4.03
N ASP A 151 -6.37 7.84 5.20
CA ASP A 151 -7.53 7.33 5.94
C ASP A 151 -8.79 7.52 5.12
N LYS A 152 -8.86 8.65 4.41
CA LYS A 152 -10.01 8.97 3.58
C LYS A 152 -10.04 8.09 2.33
N VAL A 153 -8.87 7.73 1.82
CA VAL A 153 -8.78 6.80 0.71
C VAL A 153 -9.42 5.47 1.12
N ILE A 154 -9.09 5.02 2.33
CA ILE A 154 -9.65 3.78 2.87
C ILE A 154 -11.16 3.89 3.06
N GLU A 155 -11.59 5.01 3.63
CA GLU A 155 -13.01 5.25 3.88
C GLU A 155 -13.81 5.32 2.58
N SER A 156 -13.21 5.88 1.53
CA SER A 156 -13.88 6.02 0.25
C SER A 156 -14.27 4.66 -0.33
N LEU A 157 -13.59 3.62 0.14
CA LEU A 157 -13.85 2.26 -0.35
C LEU A 157 -15.15 1.71 0.22
N ASN A 158 -15.67 2.34 1.26
CA ASN A 158 -16.93 1.91 1.86
C ASN A 158 -18.10 1.98 0.88
N ASP A 159 -17.99 2.88 -0.10
CA ASP A 159 -19.04 3.07 -1.08
C ASP A 159 -18.80 2.28 -2.36
N HIS A 160 -17.72 1.49 -2.37
CA HIS A 160 -17.40 0.67 -3.52
C HIS A 160 -18.52 -0.34 -3.79
N PRO A 161 -18.92 -0.48 -5.07
CA PRO A 161 -19.98 -1.40 -5.48
C PRO A 161 -19.62 -2.86 -5.24
N GLU A 162 -18.33 -3.18 -5.30
CA GLU A 162 -17.88 -4.56 -5.18
C GLU A 162 -17.27 -4.83 -3.81
N GLY A 163 -17.18 -6.11 -3.46
CA GLY A 163 -16.56 -6.52 -2.22
C GLY A 163 -15.04 -6.55 -2.34
N ILE A 164 -14.36 -5.94 -1.38
CA ILE A 164 -12.91 -5.84 -1.40
C ILE A 164 -12.28 -6.63 -0.25
N VAL A 165 -11.10 -7.21 -0.52
CA VAL A 165 -10.37 -7.96 0.50
C VAL A 165 -9.20 -7.12 1.04
N PHE A 166 -9.21 -6.87 2.34
CA PHE A 166 -8.14 -6.09 2.97
C PHE A 166 -7.15 -7.01 3.67
N LEU A 167 -5.86 -6.80 3.40
CA LEU A 167 -4.81 -7.56 4.07
C LEU A 167 -4.07 -6.66 5.04
N LEU A 168 -4.43 -6.77 6.32
CA LEU A 168 -3.87 -5.88 7.34
C LEU A 168 -2.77 -6.57 8.15
N TRP A 169 -1.52 -6.19 7.89
CA TRP A 169 -0.38 -6.80 8.55
C TRP A 169 0.24 -5.84 9.57
N GLY A 170 0.30 -6.28 10.83
CA GLY A 170 0.86 -5.47 11.89
C GLY A 170 -0.19 -4.66 12.62
N SER A 171 0.14 -4.22 13.83
CA SER A 171 -0.79 -3.47 14.67
C SER A 171 -1.24 -2.17 14.00
N TYR A 172 -0.29 -1.42 13.44
CA TYR A 172 -0.60 -0.14 12.79
C TYR A 172 -1.66 -0.29 11.71
N ALA A 173 -1.44 -1.22 10.79
CA ALA A 173 -2.38 -1.44 9.69
C ALA A 173 -3.74 -1.94 10.19
N GLN A 174 -3.71 -2.77 11.24
CA GLN A 174 -4.93 -3.36 11.76
C GLN A 174 -5.85 -2.33 12.41
N LYS A 175 -5.27 -1.26 12.96
CA LYS A 175 -6.06 -0.18 13.55
C LYS A 175 -7.05 0.34 12.53
N LYS A 176 -6.62 0.42 11.27
CA LYS A 176 -7.42 1.01 10.20
C LYS A 176 -8.71 0.24 9.92
N SER A 177 -8.82 -0.97 10.46
CA SER A 177 -9.99 -1.80 10.25
C SER A 177 -11.28 -1.08 10.71
N GLN A 178 -11.14 -0.25 11.73
CA GLN A 178 -12.28 0.49 12.27
C GLN A 178 -12.85 1.45 11.22
N LEU A 179 -12.03 1.80 10.23
CA LEU A 179 -12.47 2.69 9.16
C LEU A 179 -13.30 1.93 8.14
N ILE A 180 -13.16 0.62 8.11
CA ILE A 180 -13.88 -0.22 7.16
C ILE A 180 -15.22 -0.67 7.74
N THR A 181 -16.29 0.01 7.37
CA THR A 181 -17.60 -0.25 7.93
C THR A 181 -18.51 -1.04 6.98
N ASN A 182 -18.13 -1.11 5.72
CA ASN A 182 -18.90 -1.85 4.73
C ASN A 182 -18.78 -3.36 4.94
N LEU A 183 -19.90 -4.01 5.23
CA LEU A 183 -19.90 -5.44 5.56
C LEU A 183 -19.64 -6.35 4.37
N ARG A 184 -19.66 -5.80 3.16
CA ARG A 184 -19.37 -6.57 1.97
C ARG A 184 -17.88 -6.89 1.90
N HIS A 185 -17.08 -6.05 2.55
CA HIS A 185 -15.63 -6.21 2.55
C HIS A 185 -15.18 -7.26 3.55
N ARG A 186 -14.07 -7.93 3.23
CA ARG A 186 -13.48 -8.92 4.13
C ARG A 186 -12.17 -8.40 4.69
N ILE A 187 -11.98 -8.54 6.00
CA ILE A 187 -10.75 -8.11 6.64
C ILE A 187 -9.91 -9.31 7.07
N LEU A 188 -8.69 -9.39 6.56
CA LEU A 188 -7.76 -10.45 6.96
C LEU A 188 -6.60 -9.86 7.74
N LYS A 189 -6.37 -10.38 8.94
CA LYS A 189 -5.33 -9.85 9.83
C LYS A 189 -4.17 -10.83 10.00
N ALA A 190 -2.98 -10.28 10.21
CA ALA A 190 -1.79 -11.08 10.45
C ALA A 190 -0.70 -10.19 11.01
N PRO A 191 0.27 -10.78 11.73
CA PRO A 191 1.43 -10.02 12.22
C PRO A 191 2.17 -9.37 11.06
N HIS A 192 3.03 -8.41 11.36
CA HIS A 192 3.83 -7.75 10.34
C HIS A 192 4.82 -8.72 9.70
N PRO A 193 5.02 -8.60 8.38
CA PRO A 193 5.88 -9.52 7.62
C PRO A 193 7.37 -9.45 7.99
N SER A 194 7.79 -8.38 8.66
CA SER A 194 9.19 -8.22 9.04
C SER A 194 9.66 -9.41 9.87
N PRO A 195 10.74 -10.08 9.41
CA PRO A 195 11.31 -11.23 10.11
C PRO A 195 11.87 -10.86 11.49
N LEU A 196 11.82 -9.57 11.81
CA LEU A 196 12.30 -9.10 13.10
C LEU A 196 11.17 -8.76 14.06
N SER A 197 9.96 -8.61 13.54
CA SER A 197 8.81 -8.26 14.37
C SER A 197 8.68 -9.22 15.55
N ALA A 198 8.39 -8.68 16.72
CA ALA A 198 8.34 -9.45 17.95
C ALA A 198 7.36 -10.62 17.88
N ALA A 199 6.25 -10.43 17.18
CA ALA A 199 5.21 -11.45 17.11
C ALA A 199 5.33 -12.32 15.86
N ARG A 200 5.61 -13.60 16.04
CA ARG A 200 5.58 -14.56 14.95
C ARG A 200 4.14 -14.81 14.55
N GLY A 201 3.92 -15.29 13.34
CA GLY A 201 2.58 -15.64 12.90
C GLY A 201 2.25 -15.22 11.48
N PHE A 202 3.05 -14.32 10.93
CA PHE A 202 2.84 -13.89 9.55
C PHE A 202 2.94 -15.09 8.61
N LEU A 203 3.96 -15.91 8.82
CA LEU A 203 4.12 -17.14 8.04
C LEU A 203 3.01 -18.12 8.37
N GLY A 204 2.24 -18.51 7.34
CA GLY A 204 1.19 -19.48 7.53
C GLY A 204 -0.22 -18.91 7.49
N CYS A 205 -0.33 -17.58 7.45
CA CYS A 205 -1.65 -16.95 7.40
C CYS A 205 -2.30 -17.12 6.01
N ARG A 206 -1.48 -17.49 5.03
CA ARG A 206 -1.98 -17.80 3.69
C ARG A 206 -3.00 -16.79 3.19
N HIS A 207 -2.66 -15.51 3.28
CA HIS A 207 -3.58 -14.46 2.87
C HIS A 207 -3.80 -14.38 1.36
N PHE A 208 -2.81 -14.83 0.59
CA PHE A 208 -2.87 -14.72 -0.86
C PHE A 208 -3.84 -15.72 -1.47
N SER A 209 -3.86 -16.93 -0.94
CA SER A 209 -4.80 -17.95 -1.39
C SER A 209 -6.20 -17.65 -0.85
N LYS A 210 -6.28 -17.22 0.39
CA LYS A 210 -7.55 -16.83 0.99
C LYS A 210 -8.18 -15.68 0.21
N ALA A 211 -7.35 -14.70 -0.15
CA ALA A 211 -7.83 -13.55 -0.91
C ALA A 211 -8.47 -14.00 -2.22
N ASN A 212 -7.81 -14.92 -2.92
CA ASN A 212 -8.32 -15.43 -4.18
C ASN A 212 -9.59 -16.26 -4.02
N GLN A 213 -9.66 -17.01 -2.93
CA GLN A 213 -10.87 -17.77 -2.63
C GLN A 213 -12.05 -16.81 -2.44
N LEU A 214 -11.83 -15.77 -1.65
CA LEU A 214 -12.88 -14.79 -1.36
C LEU A 214 -13.34 -14.05 -2.61
N LEU A 215 -12.38 -13.62 -3.42
CA LEU A 215 -12.69 -12.92 -4.67
C LEU A 215 -13.50 -13.83 -5.59
N HIS A 216 -13.14 -15.10 -5.62
CA HIS A 216 -13.86 -16.08 -6.43
C HIS A 216 -15.31 -16.22 -5.96
N GLU A 217 -15.49 -16.35 -4.65
CA GLU A 217 -16.83 -16.52 -4.07
C GLU A 217 -17.72 -15.32 -4.36
N GLY A 219 -17.36 -13.67 -7.22
CA GLY A 219 -17.35 -13.59 -8.67
C GLY A 219 -16.65 -12.35 -9.20
N ARG A 220 -15.47 -12.05 -8.64
CA ARG A 220 -14.70 -10.88 -9.07
C ARG A 220 -13.49 -11.24 -9.91
N GLY A 221 -13.01 -12.48 -9.75
CA GLY A 221 -11.80 -12.90 -10.44
C GLY A 221 -10.60 -12.74 -9.52
N GLU A 222 -9.73 -13.75 -9.55
CA GLU A 222 -8.60 -13.83 -8.62
C GLU A 222 -7.43 -12.94 -9.02
N ILE A 223 -6.45 -12.85 -8.12
CA ILE A 223 -5.22 -12.13 -8.38
C ILE A 223 -4.14 -13.09 -8.86
N ASP A 224 -3.47 -12.75 -9.96
CA ASP A 224 -2.28 -13.47 -10.38
C ASP A 224 -1.08 -12.87 -9.66
N TRP A 225 -0.64 -13.53 -8.59
CA TRP A 225 0.43 -13.00 -7.76
C TRP A 225 1.82 -13.19 -8.38
N ALA A 226 1.89 -14.00 -9.43
CA ALA A 226 3.16 -14.32 -10.08
C ALA A 226 3.89 -13.07 -10.56
N LEU A 227 5.20 -13.03 -10.34
CA LEU A 227 6.02 -11.89 -10.76
C LEU A 227 7.12 -12.30 -11.73
N ASP A 228 7.08 -11.76 -12.93
CA ASP A 228 8.12 -11.98 -13.93
C ASP A 228 7.73 -11.39 -15.28
#